data_1VQZ
#
_entry.id   1VQZ
#
_cell.length_a   45.503
_cell.length_b   70.280
_cell.length_c   113.629
_cell.angle_alpha   90.00
_cell.angle_beta   90.00
_cell.angle_gamma   90.00
#
_symmetry.space_group_name_H-M   'P 21 21 21'
#
loop_
_entity.id
_entity.type
_entity.pdbx_description
1 polymer 'lipoate-protein ligase, putative'
2 non-polymer 'UNKNOWN LIGAND'
3 non-polymer 1,2-ETHANEDIOL
4 water water
#
_entity_poly.entity_id   1
_entity_poly.type   'polypeptide(L)'
_entity_poly.pdbx_seq_one_letter_code
;(MSE)GSDKIHHHHHH(MSE)KYIINHSNDTAFNIALEEYAFKHLLDEDQIFLLWINKPSIIVGRHQNTIEEINRDYVRE
NGIEVVRRISGGGAVYHDLNNLNYTIISKEDENKAFDFKSFSTPVINTLAQLGVKAEFTGRNDLEIDGKKFCGNAQAYIN
GRI(MSE)HHGCLLFDVDLSVLANALKVSKDKFESKGVKSVRARVTNIINELPKKITVEKFRDLLLEY(MSE)KKEYPE
(MSE)TEYVFSEEELAEINRIKDTKFGTWDWNYGKSPEFNVRRGIKFTSGKVEVFANVTESKIQDIKIYGDFFGIEDVAA
VEDVLRGVKYEREDVLKALKTIDITRYFAGISREEIAEAVVG
;
_entity_poly.pdbx_strand_id   A
#
loop_
_chem_comp.id
_chem_comp.type
_chem_comp.name
_chem_comp.formula
EDO non-polymer 1,2-ETHANEDIOL 'C2 H6 O2'
UNL non-polymer 'UNKNOWN LIGAND' ?
#
# COMPACT_ATOMS: atom_id res chain seq x y z
N HIS A 12 -5.58 -19.51 16.80
CA HIS A 12 -4.50 -18.49 16.88
C HIS A 12 -4.88 -17.13 16.23
N MSE A 13 -5.87 -16.47 16.87
CA MSE A 13 -6.35 -15.15 16.43
C MSE A 13 -6.01 -14.05 17.43
O MSE A 13 -6.30 -14.17 18.62
CB MSE A 13 -7.85 -15.29 16.27
CB MSE A 13 -7.84 -15.04 16.06
CG MSE A 13 -8.52 -14.23 15.51
CG MSE A 13 -8.19 -13.54 15.76
SE MSE A 13 -10.30 -14.88 15.05
SE MSE A 13 -9.87 -12.89 14.86
CE MSE A 13 -10.67 -13.49 13.69
CE MSE A 13 -10.90 -14.59 15.01
N LYS A 14 -5.39 -13.00 16.94
CA LYS A 14 -4.81 -12.02 17.82
C LYS A 14 -5.06 -10.58 17.38
N TYR A 15 -5.07 -9.69 18.37
CA TYR A 15 -4.82 -8.28 18.07
C TYR A 15 -3.55 -7.77 18.74
N ILE A 16 -3.02 -6.68 18.19
CA ILE A 16 -1.83 -6.02 18.69
C ILE A 16 -2.16 -4.56 18.99
N ILE A 17 -1.69 -4.08 20.14
CA ILE A 17 -1.84 -2.68 20.50
C ILE A 17 -0.49 -1.97 20.33
N ASN A 18 -0.45 -1.01 19.45
CA ASN A 18 0.73 -0.23 19.22
C ASN A 18 0.37 1.25 19.15
N HIS A 19 0.78 2.04 20.12
CA HIS A 19 0.39 3.44 20.19
C HIS A 19 1.50 4.40 19.73
N SER A 20 2.61 3.88 19.26
CA SER A 20 3.65 4.75 18.73
C SER A 20 3.08 5.48 17.54
N ASN A 21 3.63 6.69 17.30
CA ASN A 21 3.39 7.41 16.04
C ASN A 21 4.62 7.49 15.12
N ASP A 22 5.66 6.73 15.47
CA ASP A 22 6.91 6.63 14.71
C ASP A 22 6.71 5.82 13.43
N THR A 23 6.63 6.53 12.31
CA THR A 23 6.19 5.93 11.07
C THR A 23 7.03 4.71 10.70
N ALA A 24 8.33 4.86 10.68
CA ALA A 24 9.19 3.76 10.30
C ALA A 24 9.09 2.56 11.25
N PHE A 25 8.98 2.82 12.55
CA PHE A 25 8.78 1.80 13.54
C PHE A 25 7.44 1.05 13.30
N ASN A 26 6.40 1.82 13.07
CA ASN A 26 5.05 1.28 12.89
C ASN A 26 4.95 0.36 11.68
N ILE A 27 5.59 0.77 10.60
CA ILE A 27 5.55 0.01 9.38
C ILE A 27 6.37 -1.27 9.58
N ALA A 28 7.52 -1.14 10.26
CA ALA A 28 8.35 -2.31 10.61
C ALA A 28 7.52 -3.35 11.45
N LEU A 29 6.73 -2.82 12.38
CA LEU A 29 5.94 -3.65 13.26
C LEU A 29 4.89 -4.39 12.46
N GLU A 30 4.27 -3.70 11.49
CA GLU A 30 3.25 -4.32 10.64
C GLU A 30 3.87 -5.42 9.79
N GLU A 31 5.04 -5.15 9.20
CA GLU A 31 5.71 -6.17 8.41
C GLU A 31 6.10 -7.40 9.25
N TYR A 32 6.53 -7.13 10.48
CA TYR A 32 6.88 -8.20 11.41
C TYR A 32 5.67 -9.12 11.70
N ALA A 33 4.50 -8.54 11.95
CA ALA A 33 3.31 -9.32 12.12
C ALA A 33 2.99 -10.12 10.84
N PHE A 34 3.03 -9.46 9.67
CA PHE A 34 2.71 -10.11 8.39
C PHE A 34 3.66 -11.26 8.11
N LYS A 35 4.96 -11.02 8.25
CA LYS A 35 5.99 -11.99 7.76
C LYS A 35 6.64 -12.90 8.81
N HIS A 36 6.56 -12.50 10.05
CA HIS A 36 7.31 -13.15 11.13
C HIS A 36 6.45 -13.84 12.19
N LEU A 37 5.19 -13.43 12.38
CA LEU A 37 4.31 -14.09 13.36
C LEU A 37 3.49 -15.19 12.71
N LEU A 38 4.22 -16.15 12.14
CA LEU A 38 3.67 -17.24 11.34
C LEU A 38 2.90 -18.33 12.14
N ASP A 39 3.01 -18.34 13.46
CA ASP A 39 2.20 -19.23 14.30
C ASP A 39 0.82 -18.64 14.66
N GLU A 40 0.53 -17.43 14.24
CA GLU A 40 -0.76 -16.80 14.44
C GLU A 40 -1.41 -16.71 13.08
N ASP A 41 -2.52 -17.40 12.91
CA ASP A 41 -3.22 -17.45 11.62
C ASP A 41 -3.97 -16.19 11.19
N GLN A 42 -4.41 -15.39 12.15
CA GLN A 42 -5.13 -14.15 11.90
C GLN A 42 -4.69 -13.09 12.87
N ILE A 43 -4.38 -11.94 12.33
CA ILE A 43 -3.85 -10.80 13.13
C ILE A 43 -4.52 -9.50 12.70
N PHE A 44 -4.94 -8.74 13.70
CA PHE A 44 -5.62 -7.47 13.52
C PHE A 44 -4.90 -6.38 14.34
N LEU A 45 -4.69 -5.24 13.71
CA LEU A 45 -4.27 -4.03 14.43
C LEU A 45 -4.72 -2.73 13.79
N LEU A 46 -4.88 -1.73 14.68
CA LEU A 46 -5.17 -0.34 14.33
C LEU A 46 -4.03 0.56 14.85
N TRP A 47 -3.59 1.52 14.06
CA TRP A 47 -2.46 2.36 14.42
C TRP A 47 -2.38 3.67 13.63
N ILE A 48 -1.53 4.58 14.13
CA ILE A 48 -1.51 5.96 13.71
C ILE A 48 -0.07 6.45 13.56
N ASN A 49 0.20 7.01 12.38
CA ASN A 49 1.47 7.64 12.04
C ASN A 49 1.38 9.13 12.16
N LYS A 50 2.49 9.72 12.63
CA LYS A 50 2.75 11.13 12.52
C LYS A 50 2.76 11.60 11.04
N PRO A 51 2.67 12.93 10.77
CA PRO A 51 2.66 13.40 9.35
C PRO A 51 3.72 12.75 8.44
N SER A 52 3.23 12.12 7.40
CA SER A 52 4.03 11.24 6.57
C SER A 52 3.50 11.15 5.15
N ILE A 53 4.40 11.09 4.18
CA ILE A 53 4.07 10.61 2.84
C ILE A 53 4.52 9.17 2.72
N ILE A 54 3.56 8.30 2.47
CA ILE A 54 3.81 6.90 2.30
C ILE A 54 3.74 6.58 0.79
N VAL A 55 4.83 6.04 0.26
CA VAL A 55 4.95 5.77 -1.15
C VAL A 55 4.81 4.30 -1.40
N GLY A 56 4.26 3.98 -2.58
CA GLY A 56 4.08 2.62 -3.00
C GLY A 56 5.39 1.91 -3.20
N ARG A 57 5.33 0.60 -3.04
CA ARG A 57 6.48 -0.30 -3.16
C ARG A 57 7.39 -0.12 -4.41
N HIS A 58 6.81 0.32 -5.52
CA HIS A 58 7.57 0.49 -6.73
C HIS A 58 7.70 1.92 -7.26
N GLN A 59 7.26 2.91 -6.47
CA GLN A 59 7.33 4.30 -6.89
C GLN A 59 8.80 4.77 -6.92
N ASN A 60 9.08 5.65 -7.87
CA ASN A 60 10.38 6.27 -8.02
C ASN A 60 10.35 7.54 -7.16
N THR A 61 10.63 7.32 -5.87
CA THR A 61 10.43 8.28 -4.80
C THR A 61 11.05 9.63 -5.09
N ILE A 62 12.28 9.61 -5.59
CA ILE A 62 13.02 10.84 -5.84
C ILE A 62 12.33 11.71 -6.88
N GLU A 63 11.59 11.09 -7.78
CA GLU A 63 10.92 11.85 -8.83
C GLU A 63 9.49 12.25 -8.50
N GLU A 64 9.00 11.84 -7.34
CA GLU A 64 7.61 12.08 -6.87
C GLU A 64 7.44 13.03 -5.71
N ILE A 65 8.47 13.14 -4.88
CA ILE A 65 8.39 13.96 -3.67
C ILE A 65 8.95 15.38 -3.84
N ASN A 66 8.19 16.37 -3.38
CA ASN A 66 8.72 17.70 -3.17
C ASN A 66 9.58 17.74 -1.91
N ARG A 67 10.88 17.50 -2.13
CA ARG A 67 11.97 17.53 -1.15
C ARG A 67 11.89 18.67 -0.16
N ASP A 68 11.81 19.89 -0.67
CA ASP A 68 11.84 21.04 0.20
C ASP A 68 10.58 21.20 1.02
N TYR A 69 9.43 20.83 0.47
CA TYR A 69 8.20 20.90 1.27
C TYR A 69 8.23 19.93 2.43
N VAL A 70 8.61 18.70 2.16
CA VAL A 70 8.56 17.71 3.24
C VAL A 70 9.63 18.04 4.26
N ARG A 71 10.74 18.60 3.83
CA ARG A 71 11.79 18.95 4.78
C ARG A 71 11.37 20.14 5.65
N GLU A 72 10.88 21.20 5.03
CA GLU A 72 10.47 22.39 5.75
C GLU A 72 9.41 22.05 6.80
N ASN A 73 8.51 21.13 6.45
CA ASN A 73 7.39 20.80 7.27
C ASN A 73 7.58 19.54 8.14
N GLY A 74 8.74 18.90 8.13
CA GLY A 74 8.98 17.78 9.05
C GLY A 74 8.20 16.50 8.72
N ILE A 75 7.86 16.28 7.47
CA ILE A 75 7.01 15.15 7.08
C ILE A 75 7.92 13.94 6.82
N GLU A 76 7.64 12.80 7.44
CA GLU A 76 8.38 11.54 7.13
C GLU A 76 8.04 11.07 5.71
N VAL A 77 8.99 10.45 5.01
CA VAL A 77 8.78 9.76 3.76
C VAL A 77 9.21 8.29 3.93
N VAL A 78 8.23 7.37 3.82
CA VAL A 78 8.50 5.92 3.96
C VAL A 78 7.81 5.11 2.88
N ARG A 79 8.52 4.18 2.28
CA ARG A 79 7.97 3.28 1.28
C ARG A 79 7.33 2.11 1.98
N ARG A 80 6.07 1.83 1.64
CA ARG A 80 5.37 0.66 2.15
C ARG A 80 5.54 -0.58 1.29
N ILE A 81 5.01 -1.69 1.80
CA ILE A 81 5.23 -2.97 1.11
C ILE A 81 4.08 -3.41 0.22
N SER A 82 3.06 -2.58 0.03
CA SER A 82 2.06 -2.79 -1.02
C SER A 82 2.22 -1.76 -2.16
N GLY A 83 1.61 -2.07 -3.29
CA GLY A 83 1.67 -1.26 -4.47
C GLY A 83 0.83 -0.04 -4.45
N GLY A 84 0.78 0.64 -5.59
CA GLY A 84 0.00 1.89 -5.73
C GLY A 84 0.80 3.17 -5.56
N GLY A 85 0.05 4.24 -5.28
CA GLY A 85 0.58 5.57 -5.22
C GLY A 85 0.86 6.11 -3.83
N ALA A 86 1.07 7.43 -3.80
CA ALA A 86 1.43 8.13 -2.58
C ALA A 86 0.21 8.49 -1.76
N VAL A 87 0.37 8.32 -0.45
CA VAL A 87 -0.69 8.62 0.50
C VAL A 87 -0.18 9.50 1.65
N TYR A 88 -0.98 10.50 2.04
CA TYR A 88 -0.71 11.32 3.22
C TYR A 88 -1.32 10.77 4.49
N HIS A 89 -0.47 10.61 5.48
CA HIS A 89 -0.87 10.26 6.83
C HIS A 89 -0.62 11.41 7.77
N ASP A 90 -1.53 11.54 8.74
CA ASP A 90 -1.33 12.37 9.88
C ASP A 90 -1.94 11.72 11.11
N LEU A 91 -1.91 12.44 12.25
CA LEU A 91 -2.39 11.89 13.49
C LEU A 91 -3.91 11.60 13.52
N ASN A 92 -4.63 12.05 12.48
CA ASN A 92 -6.06 11.78 12.34
C ASN A 92 -6.40 10.82 11.18
N ASN A 93 -5.37 10.10 10.76
CA ASN A 93 -5.49 9.00 9.78
C ASN A 93 -5.31 7.72 10.52
N LEU A 94 -6.32 6.86 10.53
CA LEU A 94 -6.29 5.63 11.30
C LEU A 94 -6.03 4.49 10.34
N ASN A 95 -4.86 3.86 10.53
CA ASN A 95 -4.41 2.71 9.74
C ASN A 95 -4.98 1.43 10.32
N TYR A 96 -5.33 0.49 9.44
CA TYR A 96 -5.79 -0.83 9.86
C TYR A 96 -4.92 -1.85 9.15
N THR A 97 -4.77 -3.01 9.81
CA THR A 97 -4.04 -4.15 9.27
C THR A 97 -4.80 -5.45 9.55
N ILE A 98 -5.10 -6.21 8.50
CA ILE A 98 -5.78 -7.51 8.60
C ILE A 98 -4.89 -8.54 7.91
N ILE A 99 -4.27 -9.41 8.70
CA ILE A 99 -3.42 -10.49 8.23
C ILE A 99 -4.03 -11.84 8.45
N SER A 100 -3.89 -12.70 7.44
CA SER A 100 -4.51 -14.05 7.49
C SER A 100 -3.71 -15.05 6.68
N LYS A 101 -3.51 -16.21 7.26
CA LYS A 101 -3.09 -17.39 6.57
C LYS A 101 -4.10 -17.70 5.47
N GLU A 102 -3.57 -18.00 4.30
CA GLU A 102 -4.35 -18.37 3.15
C GLU A 102 -4.98 -19.72 3.45
N ASP A 103 -6.29 -19.72 3.54
CA ASP A 103 -7.09 -20.89 3.86
C ASP A 103 -8.47 -20.67 3.23
N GLU A 104 -8.83 -21.58 2.33
CA GLU A 104 -10.13 -21.55 1.63
C GLU A 104 -11.34 -21.63 2.60
N ASN A 105 -11.16 -22.35 3.71
CA ASN A 105 -12.22 -22.52 4.69
C ASN A 105 -12.26 -21.44 5.79
N LYS A 106 -11.46 -20.37 5.68
CA LYS A 106 -11.58 -19.27 6.65
C LYS A 106 -11.11 -17.93 6.08
N ALA A 107 -12.03 -16.98 5.94
CA ALA A 107 -11.78 -15.68 5.30
C ALA A 107 -11.81 -14.57 6.35
N PHE A 108 -10.68 -13.89 6.47
CA PHE A 108 -10.50 -12.80 7.40
C PHE A 108 -9.74 -11.75 6.65
N ASP A 109 -10.48 -10.74 6.18
CA ASP A 109 -9.98 -9.85 5.13
C ASP A 109 -10.77 -8.56 5.18
N PHE A 110 -10.55 -7.68 4.20
CA PHE A 110 -11.17 -6.37 4.19
C PHE A 110 -12.67 -6.50 4.27
N LYS A 111 -13.22 -7.33 3.39
CA LYS A 111 -14.66 -7.61 3.38
C LYS A 111 -15.18 -7.93 4.77
N SER A 112 -14.47 -8.76 5.53
CA SER A 112 -14.97 -9.14 6.84
C SER A 112 -14.84 -8.00 7.87
N PHE A 113 -13.82 -7.15 7.72
CA PHE A 113 -13.62 -5.94 8.58
C PHE A 113 -14.66 -4.87 8.31
N SER A 114 -15.13 -4.86 7.07
CA SER A 114 -15.99 -3.80 6.58
C SER A 114 -17.33 -3.76 7.35
N THR A 115 -17.84 -4.92 7.77
CA THR A 115 -19.06 -4.98 8.55
C THR A 115 -18.90 -4.31 9.92
N PRO A 116 -17.87 -4.73 10.70
CA PRO A 116 -17.48 -4.01 11.91
C PRO A 116 -17.34 -2.49 11.72
N VAL A 117 -16.73 -2.03 10.64
CA VAL A 117 -16.66 -0.58 10.40
C VAL A 117 -18.06 0.01 10.20
N ILE A 118 -18.88 -0.62 9.35
CA ILE A 118 -20.23 -0.13 8.98
C ILE A 118 -21.09 -0.02 10.22
N ASN A 119 -20.99 -1.04 11.06
CA ASN A 119 -21.80 -1.17 12.25
C ASN A 119 -21.37 -0.21 13.36
N THR A 120 -20.07 -0.11 13.61
CA THR A 120 -19.48 0.93 14.48
C THR A 120 -20.04 2.32 14.07
N LEU A 121 -19.96 2.63 12.78
CA LEU A 121 -20.49 3.91 12.27
C LEU A 121 -22.02 4.02 12.42
N ALA A 122 -22.75 2.92 12.20
CA ALA A 122 -24.19 2.97 12.37
C ALA A 122 -24.58 3.23 13.83
N GLN A 123 -23.83 2.68 14.78
CA GLN A 123 -24.02 3.03 16.20
C GLN A 123 -23.87 4.55 16.41
N LEU A 124 -22.98 5.17 15.64
CA LEU A 124 -22.67 6.57 15.77
C LEU A 124 -23.60 7.48 14.97
N GLY A 125 -24.62 6.92 14.34
CA GLY A 125 -25.58 7.68 13.53
C GLY A 125 -25.18 7.95 12.09
N VAL A 126 -24.25 7.15 11.56
CA VAL A 126 -23.67 7.34 10.23
C VAL A 126 -23.89 6.08 9.38
N LYS A 127 -24.43 6.25 8.19
CA LYS A 127 -24.70 5.13 7.26
C LYS A 127 -23.55 5.01 6.26
N ALA A 128 -22.71 4.00 6.44
CA ALA A 128 -21.64 3.74 5.49
C ALA A 128 -21.96 2.49 4.64
N GLU A 129 -21.34 2.42 3.45
CA GLU A 129 -21.61 1.33 2.49
C GLU A 129 -20.31 0.79 1.86
N PHE A 130 -20.32 -0.53 1.62
CA PHE A 130 -19.18 -1.25 1.06
C PHE A 130 -19.35 -1.24 -0.45
N THR A 131 -18.43 -0.56 -1.13
CA THR A 131 -18.57 -0.28 -2.57
C THR A 131 -17.44 -0.92 -3.37
N GLY A 132 -17.83 -1.62 -4.45
CA GLY A 132 -16.89 -2.38 -5.25
C GLY A 132 -16.16 -3.31 -4.31
N ARG A 133 -14.85 -3.17 -4.25
CA ARG A 133 -14.00 -4.16 -3.60
C ARG A 133 -13.10 -3.60 -2.51
N ASN A 134 -12.56 -2.40 -2.72
CA ASN A 134 -11.46 -1.87 -1.90
C ASN A 134 -11.71 -0.50 -1.25
N ASP A 135 -12.99 -0.15 -1.07
CA ASP A 135 -13.36 1.08 -0.34
C ASP A 135 -14.76 1.11 0.28
N LEU A 136 -14.85 1.91 1.34
CA LEU A 136 -16.11 2.17 2.01
C LEU A 136 -16.55 3.61 1.71
N GLU A 137 -17.86 3.84 1.72
CA GLU A 137 -18.38 5.17 1.37
C GLU A 137 -19.37 5.70 2.36
N ILE A 138 -19.47 7.03 2.44
CA ILE A 138 -20.57 7.67 3.16
C ILE A 138 -21.19 8.70 2.24
N ASP A 139 -22.46 8.52 1.95
CA ASP A 139 -23.16 9.42 1.04
C ASP A 139 -22.34 9.59 -0.22
N GLY A 140 -21.86 8.49 -0.79
CA GLY A 140 -21.09 8.51 -2.05
C GLY A 140 -19.65 8.96 -1.96
N LYS A 141 -19.18 9.28 -0.75
CA LYS A 141 -17.81 9.74 -0.60
C LYS A 141 -16.99 8.68 0.16
N LYS A 142 -15.80 8.42 -0.37
CA LYS A 142 -14.91 7.38 0.15
C LYS A 142 -14.21 7.93 1.38
N PHE A 143 -14.18 7.14 2.46
CA PHE A 143 -13.42 7.49 3.67
C PHE A 143 -12.40 6.43 4.07
N CYS A 144 -12.36 5.35 3.29
CA CYS A 144 -11.51 4.21 3.54
C CYS A 144 -11.02 3.63 2.20
N GLY A 145 -9.74 3.33 2.18
CA GLY A 145 -9.09 2.75 1.01
C GLY A 145 -8.13 1.65 1.40
N ASN A 146 -8.43 0.46 0.84
CA ASN A 146 -7.77 -0.82 1.09
C ASN A 146 -6.73 -1.20 0.04
N ALA A 147 -5.69 -1.90 0.46
CA ALA A 147 -4.74 -2.52 -0.43
C ALA A 147 -4.32 -3.88 0.10
N GLN A 148 -4.06 -4.80 -0.80
CA GLN A 148 -3.71 -6.16 -0.50
C GLN A 148 -2.24 -6.42 -0.88
N ALA A 149 -1.56 -7.19 -0.05
CA ALA A 149 -0.25 -7.76 -0.33
C ALA A 149 -0.30 -9.26 -0.08
N TYR A 150 0.48 -10.01 -0.83
CA TYR A 150 0.46 -11.46 -0.74
C TYR A 150 1.87 -11.96 -0.77
N ILE A 151 2.24 -12.68 0.28
CA ILE A 151 3.41 -13.53 0.25
C ILE A 151 2.91 -14.97 0.22
N ASN A 152 3.83 -15.95 0.20
CA ASN A 152 3.38 -17.36 0.09
C ASN A 152 2.59 -17.71 1.35
N GLY A 153 1.39 -18.17 1.09
CA GLY A 153 0.50 -18.69 2.09
C GLY A 153 -0.06 -17.67 3.05
N ARG A 154 0.19 -16.38 2.81
CA ARG A 154 -0.24 -15.33 3.73
C ARG A 154 -0.65 -14.01 3.05
N ILE A 155 -1.80 -13.51 3.50
CA ILE A 155 -2.47 -12.37 2.89
C ILE A 155 -2.55 -11.21 3.86
N MSE A 156 -2.23 -10.00 3.40
CA MSE A 156 -2.48 -8.80 4.18
C MSE A 156 -3.36 -7.84 3.40
O MSE A 156 -3.07 -7.50 2.27
CB MSE A 156 -1.18 -8.11 4.60
CG MSE A 156 -1.41 -6.86 5.41
SE MSE A 156 0.25 -5.97 6.04
CE MSE A 156 1.01 -5.55 4.19
N HIS A 157 -4.42 -7.41 4.06
CA HIS A 157 -5.23 -6.28 3.63
C HIS A 157 -4.93 -5.12 4.60
N HIS A 158 -4.51 -3.98 4.09
CA HIS A 158 -4.27 -2.84 4.98
C HIS A 158 -4.69 -1.56 4.32
N GLY A 159 -4.91 -0.55 5.15
CA GLY A 159 -5.37 0.71 4.58
C GLY A 159 -5.60 1.77 5.60
N CYS A 160 -6.26 2.84 5.14
CA CYS A 160 -6.42 4.11 5.88
C CYS A 160 -7.92 4.44 6.07
N LEU A 161 -8.29 4.79 7.28
CA LEU A 161 -9.61 5.34 7.55
C LEU A 161 -9.41 6.85 7.79
N LEU A 162 -10.07 7.68 6.98
CA LEU A 162 -9.92 9.15 7.06
C LEU A 162 -10.85 9.63 8.15
N PHE A 163 -10.27 9.95 9.31
CA PHE A 163 -11.04 10.42 10.40
C PHE A 163 -11.07 11.95 10.43
N ASP A 164 -9.93 12.60 10.38
CA ASP A 164 -9.88 14.06 10.25
C ASP A 164 -8.55 14.51 9.65
N VAL A 165 -8.19 13.87 8.56
CA VAL A 165 -6.94 14.10 7.92
C VAL A 165 -6.97 15.48 7.26
N ASP A 166 -5.84 16.17 7.25
CA ASP A 166 -5.72 17.38 6.42
C ASP A 166 -5.55 16.94 4.97
N LEU A 167 -6.61 17.10 4.18
CA LEU A 167 -6.63 16.63 2.80
C LEU A 167 -5.89 17.58 1.85
N SER A 168 -5.37 18.71 2.36
CA SER A 168 -4.71 19.71 1.53
C SER A 168 -3.20 19.51 1.37
N VAL A 169 -2.61 18.61 2.17
CA VAL A 169 -1.17 18.51 2.24
C VAL A 169 -0.58 17.74 1.05
N LEU A 170 -1.17 16.60 0.70
CA LEU A 170 -0.60 15.73 -0.34
C LEU A 170 -0.18 16.47 -1.61
N ALA A 171 -1.04 17.38 -2.09
CA ALA A 171 -0.76 18.03 -3.37
C ALA A 171 0.46 18.94 -3.26
N ASN A 172 0.70 19.49 -2.06
CA ASN A 172 1.88 20.33 -1.79
C ASN A 172 3.13 19.48 -1.58
N ALA A 173 2.97 18.23 -1.14
CA ALA A 173 4.15 17.36 -0.83
C ALA A 173 4.70 16.58 -2.02
N LEU A 174 3.93 16.54 -3.11
CA LEU A 174 4.27 15.77 -4.31
C LEU A 174 4.72 16.76 -5.39
N LYS A 175 5.61 16.32 -6.26
CA LYS A 175 6.00 17.09 -7.44
C LYS A 175 5.71 16.34 -8.74
N VAL A 176 5.75 17.08 -9.83
CA VAL A 176 5.74 16.52 -11.19
C VAL A 176 7.19 16.34 -11.69
N SER A 177 7.58 15.08 -11.90
CA SER A 177 8.86 14.73 -12.53
C SER A 177 9.12 15.49 -13.83
N LYS A 178 10.38 15.82 -14.08
CA LYS A 178 10.79 16.39 -15.38
C LYS A 178 10.92 15.30 -16.45
N ASP A 179 11.02 14.03 -16.03
CA ASP A 179 11.14 12.90 -16.98
C ASP A 179 9.86 12.74 -17.82
N LYS A 180 10.06 12.35 -19.07
CA LYS A 180 8.95 12.26 -20.01
C LYS A 180 8.17 10.98 -19.76
N PHE A 181 6.85 11.10 -19.80
CA PHE A 181 5.95 9.96 -19.87
C PHE A 181 5.01 10.15 -21.06
N GLU A 182 4.94 9.15 -21.93
CA GLU A 182 3.89 9.08 -22.92
C GLU A 182 2.57 8.85 -22.19
N SER A 183 1.54 9.61 -22.55
CA SER A 183 0.25 9.44 -21.87
C SER A 183 -0.65 8.70 -22.81
N LYS A 184 -0.89 7.43 -22.47
CA LYS A 184 -1.47 6.47 -23.40
C LYS A 184 -2.78 5.94 -22.85
N GLY A 185 -3.78 6.83 -22.90
CA GLY A 185 -5.16 6.53 -22.51
C GLY A 185 -5.91 7.81 -22.21
N VAL A 186 -7.00 7.68 -21.45
CA VAL A 186 -7.63 8.82 -20.80
C VAL A 186 -7.10 8.89 -19.37
N LYS A 187 -7.48 9.94 -18.65
CA LYS A 187 -7.18 10.04 -17.22
C LYS A 187 -8.42 9.62 -16.42
N SER A 188 -8.18 9.10 -15.21
CA SER A 188 -9.27 8.63 -14.33
C SER A 188 -10.12 9.79 -13.79
N VAL A 189 -11.37 9.49 -13.43
CA VAL A 189 -12.28 10.47 -12.84
C VAL A 189 -11.88 10.78 -11.38
N ARG A 190 -12.04 12.03 -10.97
CA ARG A 190 -11.67 12.47 -9.61
C ARG A 190 -12.70 11.97 -8.59
N ALA A 191 -12.19 11.24 -7.59
CA ALA A 191 -13.04 10.65 -6.58
C ALA A 191 -13.56 11.69 -5.59
N ARG A 192 -14.67 11.35 -4.95
CA ARG A 192 -15.22 12.12 -3.87
C ARG A 192 -14.76 11.44 -2.56
N VAL A 193 -14.00 12.15 -1.70
CA VAL A 193 -13.68 11.68 -0.33
C VAL A 193 -14.26 12.54 0.82
N THR A 194 -14.44 11.91 1.98
CA THR A 194 -14.80 12.63 3.19
C THR A 194 -14.06 12.07 4.43
N ASN A 195 -13.97 12.90 5.46
CA ASN A 195 -13.48 12.53 6.77
C ASN A 195 -14.67 12.13 7.65
N ILE A 196 -14.48 11.08 8.41
CA ILE A 196 -15.52 10.59 9.31
C ILE A 196 -16.02 11.72 10.20
N ILE A 197 -15.11 12.53 10.77
CA ILE A 197 -15.51 13.55 11.77
C ILE A 197 -16.61 14.51 11.22
N ASN A 198 -16.59 14.73 9.92
CA ASN A 198 -17.55 15.59 9.27
C ASN A 198 -18.89 14.96 9.08
N GLU A 199 -18.99 13.65 9.24
CA GLU A 199 -20.24 12.95 9.03
C GLU A 199 -20.92 12.59 10.37
N LEU A 200 -20.12 12.58 11.44
CA LEU A 200 -20.60 12.29 12.78
C LEU A 200 -21.51 13.38 13.32
N PRO A 201 -22.74 13.02 13.73
CA PRO A 201 -23.59 13.96 14.46
C PRO A 201 -22.97 14.48 15.81
N LYS A 202 -22.26 13.61 16.53
CA LYS A 202 -21.52 14.02 17.73
C LYS A 202 -20.00 13.80 17.56
N LYS A 203 -19.21 14.77 18.00
CA LYS A 203 -17.79 14.75 17.82
C LYS A 203 -17.11 13.80 18.80
N ILE A 204 -16.23 12.97 18.29
CA ILE A 204 -15.31 12.20 19.10
C ILE A 204 -13.94 12.23 18.46
N THR A 205 -12.94 11.79 19.22
CA THR A 205 -11.58 11.69 18.74
C THR A 205 -11.33 10.41 17.98
N VAL A 206 -10.30 10.48 17.16
CA VAL A 206 -9.82 9.35 16.42
C VAL A 206 -9.45 8.19 17.36
N GLU A 207 -8.90 8.48 18.53
CA GLU A 207 -8.59 7.41 19.50
C GLU A 207 -9.82 6.70 20.01
N LYS A 208 -10.87 7.48 20.27
CA LYS A 208 -12.16 6.92 20.68
C LYS A 208 -12.72 6.03 19.58
N PHE A 209 -12.70 6.54 18.35
CA PHE A 209 -13.15 5.77 17.20
C PHE A 209 -12.37 4.43 17.08
N ARG A 210 -11.05 4.53 17.17
CA ARG A 210 -10.14 3.36 17.16
C ARG A 210 -10.56 2.30 18.22
N ASP A 211 -10.78 2.78 19.44
CA ASP A 211 -11.15 1.89 20.52
C ASP A 211 -12.56 1.29 20.34
N LEU A 212 -13.50 2.04 19.77
CA LEU A 212 -14.84 1.47 19.43
C LEU A 212 -14.71 0.40 18.39
N LEU A 213 -13.87 0.61 17.38
CA LEU A 213 -13.63 -0.44 16.39
C LEU A 213 -13.03 -1.71 16.99
N LEU A 214 -12.01 -1.55 17.83
CA LEU A 214 -11.37 -2.69 18.48
C LEU A 214 -12.41 -3.37 19.36
N GLU A 215 -13.16 -2.59 20.12
CA GLU A 215 -14.23 -3.17 20.99
C GLU A 215 -15.23 -3.97 20.12
N TYR A 216 -15.61 -3.42 18.96
CA TYR A 216 -16.43 -4.20 18.06
C TYR A 216 -15.78 -5.52 17.63
N MSE A 217 -14.49 -5.46 17.29
CA MSE A 217 -13.79 -6.65 16.77
C MSE A 217 -13.79 -7.75 17.82
O MSE A 217 -14.05 -8.93 17.50
CB MSE A 217 -12.37 -6.28 16.32
CG MSE A 217 -12.38 -5.57 14.95
SE MSE A 217 -12.92 -6.77 13.39
CE MSE A 217 -11.31 -7.85 13.30
N LYS A 218 -13.57 -7.33 19.07
CA LYS A 218 -13.53 -8.22 20.23
C LYS A 218 -14.87 -8.92 20.45
N LYS A 219 -15.94 -8.21 20.11
CA LYS A 219 -17.28 -8.68 20.32
C LYS A 219 -17.59 -9.69 19.20
N GLU A 220 -17.19 -9.34 17.99
CA GLU A 220 -17.29 -10.20 16.80
C GLU A 220 -16.44 -11.50 16.99
N TYR A 221 -15.26 -11.35 17.55
CA TYR A 221 -14.33 -12.47 17.72
C TYR A 221 -13.88 -12.66 19.17
N PRO A 222 -14.76 -13.27 20.01
CA PRO A 222 -14.44 -13.47 21.43
C PRO A 222 -13.18 -14.34 21.71
N GLU A 223 -12.79 -15.14 20.71
N GLU A 223 -12.72 -15.11 20.74
CA GLU A 223 -11.56 -15.94 20.73
CA GLU A 223 -11.52 -15.92 20.95
C GLU A 223 -10.29 -15.09 20.76
C GLU A 223 -10.24 -15.20 20.53
N MSE A 224 -10.37 -13.94 20.10
CA MSE A 224 -9.21 -13.13 19.80
C MSE A 224 -8.69 -12.51 21.07
O MSE A 224 -9.43 -11.88 21.82
CB MSE A 224 -9.59 -12.03 18.79
CG MSE A 224 -8.47 -11.12 18.45
SE MSE A 224 -9.04 -9.69 17.17
CE MSE A 224 -10.20 -8.69 18.42
N THR A 225 -7.40 -12.68 21.29
CA THR A 225 -6.71 -12.18 22.47
C THR A 225 -5.55 -11.30 22.03
N GLU A 226 -4.99 -10.55 22.95
CA GLU A 226 -3.85 -9.69 22.63
C GLU A 226 -2.53 -10.49 22.46
N TYR A 227 -1.83 -10.24 21.34
CA TYR A 227 -0.40 -10.61 21.22
C TYR A 227 0.46 -9.46 21.76
N VAL A 228 1.25 -9.74 22.78
CA VAL A 228 2.13 -8.76 23.38
C VAL A 228 3.57 -9.11 23.01
N PHE A 229 4.24 -8.18 22.36
CA PHE A 229 5.60 -8.38 21.92
C PHE A 229 6.56 -8.47 23.07
N SER A 230 7.49 -9.40 23.01
CA SER A 230 8.52 -9.52 24.00
C SER A 230 9.56 -8.47 23.66
N GLU A 231 10.47 -8.24 24.62
CA GLU A 231 11.64 -7.39 24.39
C GLU A 231 12.47 -7.84 23.17
N GLU A 232 12.60 -9.15 23.01
CA GLU A 232 13.37 -9.70 21.91
C GLU A 232 12.70 -9.39 20.59
N GLU A 233 11.38 -9.61 20.49
CA GLU A 233 10.62 -9.24 19.26
C GLU A 233 10.70 -7.74 18.94
N LEU A 234 10.59 -6.92 19.97
CA LEU A 234 10.74 -5.49 19.84
C LEU A 234 12.12 -5.11 19.28
N ALA A 235 13.17 -5.80 19.74
CA ALA A 235 14.52 -5.61 19.17
C ALA A 235 14.57 -5.94 17.67
N GLU A 236 13.97 -7.07 17.30
CA GLU A 236 13.93 -7.52 15.91
C GLU A 236 13.15 -6.49 15.05
N ILE A 237 12.02 -6.03 15.56
CA ILE A 237 11.27 -4.98 14.92
C ILE A 237 12.08 -3.71 14.67
N ASN A 238 12.80 -3.26 15.66
CA ASN A 238 13.67 -2.09 15.50
C ASN A 238 14.83 -2.31 14.54
N ARG A 239 15.38 -3.53 14.52
CA ARG A 239 16.35 -3.90 13.49
C ARG A 239 15.79 -3.72 12.07
N ILE A 240 14.57 -4.16 11.86
CA ILE A 240 13.89 -3.98 10.58
C ILE A 240 13.69 -2.49 10.25
N LYS A 241 13.27 -1.71 11.26
CA LYS A 241 13.27 -0.24 11.14
C LYS A 241 14.64 0.32 10.74
N ASP A 242 15.71 -0.11 11.43
CA ASP A 242 17.08 0.42 11.22
C ASP A 242 17.69 0.02 9.87
N THR A 243 17.32 -1.13 9.34
CA THR A 243 17.84 -1.63 8.11
C THR A 243 16.91 -1.52 6.92
N LYS A 244 15.64 -1.17 7.14
CA LYS A 244 14.70 -1.01 6.03
C LYS A 244 13.95 0.35 6.04
N PHE A 245 12.86 0.43 6.79
CA PHE A 245 11.94 1.56 6.73
C PHE A 245 12.54 2.91 7.17
N GLY A 246 13.62 2.86 7.96
CA GLY A 246 14.43 4.03 8.31
C GLY A 246 15.58 4.39 7.41
N THR A 247 15.75 3.69 6.28
CA THR A 247 16.90 3.91 5.41
C THR A 247 16.54 4.59 4.07
N TRP A 248 17.47 5.41 3.59
CA TRP A 248 17.41 5.93 2.22
C TRP A 248 17.39 4.80 1.14
N ASP A 249 18.15 3.72 1.33
CA ASP A 249 18.29 2.71 0.30
C ASP A 249 16.93 2.04 0.00
N TRP A 250 16.13 1.90 1.05
CA TRP A 250 14.82 1.34 0.91
C TRP A 250 13.80 2.41 0.44
N ASN A 251 13.77 3.55 1.10
CA ASN A 251 12.66 4.52 0.86
C ASN A 251 12.79 5.21 -0.50
N TYR A 252 14.03 5.50 -0.88
CA TYR A 252 14.39 6.07 -2.18
C TYR A 252 15.08 4.99 -2.98
N GLY A 253 16.41 4.92 -2.89
CA GLY A 253 17.16 3.76 -3.41
C GLY A 253 18.01 4.06 -4.62
N LYS A 254 18.94 3.16 -4.91
CA LYS A 254 19.91 3.37 -5.96
C LYS A 254 19.30 3.23 -7.36
N SER A 255 19.78 4.05 -8.28
CA SER A 255 19.40 3.90 -9.69
C SER A 255 19.96 2.61 -10.25
N PRO A 256 19.20 1.92 -11.12
CA PRO A 256 19.75 0.70 -11.74
C PRO A 256 20.73 0.98 -12.87
N GLU A 257 21.47 -0.04 -13.29
CA GLU A 257 22.23 0.06 -14.52
C GLU A 257 21.28 -0.04 -15.72
N PHE A 258 21.35 0.94 -16.63
CA PHE A 258 20.45 0.93 -17.78
C PHE A 258 21.02 1.71 -18.91
N ASN A 259 20.72 1.27 -20.12
CA ASN A 259 21.03 2.07 -21.29
C ASN A 259 19.74 2.39 -22.01
N VAL A 260 18.58 1.99 -21.44
CA VAL A 260 17.29 2.39 -21.98
C VAL A 260 16.35 2.80 -20.81
N ARG A 261 15.66 3.92 -20.99
CA ARG A 261 14.56 4.29 -20.11
C ARG A 261 13.32 4.63 -20.92
N ARG A 262 12.19 4.06 -20.51
CA ARG A 262 10.90 4.38 -21.09
C ARG A 262 9.88 4.67 -19.99
N GLY A 263 8.87 5.48 -20.31
CA GLY A 263 7.82 5.84 -19.38
C GLY A 263 6.48 6.04 -20.08
N ILE A 264 5.48 5.31 -19.61
CA ILE A 264 4.12 5.43 -20.15
C ILE A 264 3.18 5.53 -18.99
N LYS A 265 2.23 6.43 -19.13
CA LYS A 265 1.14 6.64 -18.16
C LYS A 265 -0.12 6.03 -18.75
N PHE A 266 -0.58 4.98 -18.09
CA PHE A 266 -1.83 4.31 -18.41
C PHE A 266 -2.89 4.77 -17.38
N THR A 267 -4.14 4.49 -17.70
CA THR A 267 -5.27 4.83 -16.85
C THR A 267 -5.10 4.24 -15.47
N SER A 268 -4.64 3.00 -15.39
CA SER A 268 -4.49 2.31 -14.11
C SER A 268 -3.06 2.41 -13.55
N GLY A 269 -2.26 3.29 -14.10
CA GLY A 269 -0.95 3.52 -13.52
C GLY A 269 0.12 3.91 -14.49
N LYS A 270 1.06 4.65 -13.96
CA LYS A 270 2.31 4.96 -14.57
C LYS A 270 3.28 3.77 -14.48
N VAL A 271 3.94 3.45 -15.61
CA VAL A 271 4.96 2.40 -15.69
C VAL A 271 6.25 2.99 -16.28
N GLU A 272 7.33 2.91 -15.51
CA GLU A 272 8.66 3.41 -15.87
C GLU A 272 9.64 2.25 -15.88
N VAL A 273 10.29 2.06 -17.01
CA VAL A 273 11.15 0.92 -17.22
C VAL A 273 12.59 1.33 -17.46
N PHE A 274 13.49 0.82 -16.64
CA PHE A 274 14.92 1.03 -16.86
C PHE A 274 15.55 -0.33 -17.29
N ALA A 275 15.98 -0.42 -18.53
CA ALA A 275 16.53 -1.69 -19.07
C ALA A 275 17.96 -1.53 -19.53
N ASN A 276 18.78 -2.53 -19.20
CA ASN A 276 20.13 -2.68 -19.75
C ASN A 276 20.10 -3.77 -20.82
N VAL A 277 20.29 -3.35 -22.07
CA VAL A 277 20.16 -4.18 -23.25
C VAL A 277 21.55 -4.33 -23.84
N THR A 278 22.01 -5.56 -23.94
CA THR A 278 23.32 -5.91 -24.48
C THR A 278 23.09 -7.06 -25.42
N GLU A 279 23.78 -7.05 -26.55
CA GLU A 279 23.61 -8.10 -27.54
C GLU A 279 22.15 -8.36 -27.89
N SER A 280 21.38 -7.27 -28.01
CA SER A 280 19.94 -7.33 -28.36
C SER A 280 19.01 -8.13 -27.40
N LYS A 281 19.41 -8.23 -26.12
CA LYS A 281 18.69 -8.95 -25.10
C LYS A 281 18.64 -8.10 -23.84
N ILE A 282 17.65 -8.39 -22.99
CA ILE A 282 17.48 -7.75 -21.70
C ILE A 282 18.51 -8.34 -20.74
N GLN A 283 19.57 -7.60 -20.50
CA GLN A 283 20.60 -8.03 -19.54
C GLN A 283 20.11 -7.82 -18.10
N ASP A 284 19.52 -6.65 -17.85
CA ASP A 284 18.86 -6.34 -16.59
C ASP A 284 17.68 -5.43 -16.85
N ILE A 285 16.72 -5.43 -15.91
CA ILE A 285 15.56 -4.57 -16.02
C ILE A 285 15.03 -4.25 -14.63
N LYS A 286 14.54 -3.02 -14.47
CA LYS A 286 13.88 -2.60 -13.23
C LYS A 286 12.70 -1.71 -13.59
N ILE A 287 11.57 -1.96 -12.93
CA ILE A 287 10.31 -1.33 -13.24
C ILE A 287 9.82 -0.56 -12.03
N TYR A 288 9.53 0.71 -12.27
CA TYR A 288 8.96 1.61 -11.27
C TYR A 288 7.59 2.07 -11.70
N GLY A 289 6.83 2.59 -10.73
CA GLY A 289 5.53 3.16 -11.05
C GLY A 289 4.59 3.21 -9.87
N ASP A 290 3.38 3.70 -10.15
CA ASP A 290 2.30 3.75 -9.15
C ASP A 290 1.14 2.81 -9.49
N PHE A 291 1.35 1.93 -10.45
CA PHE A 291 0.47 0.79 -10.71
C PHE A 291 0.31 -0.04 -9.41
N PHE A 292 -0.78 -0.76 -9.33
CA PHE A 292 -1.00 -1.64 -8.21
C PHE A 292 -0.98 -3.07 -8.66
N GLY A 293 -0.27 -3.91 -7.91
CA GLY A 293 -0.31 -5.34 -8.04
C GLY A 293 -0.19 -5.91 -6.65
N ILE A 294 -0.85 -7.03 -6.45
CA ILE A 294 -0.85 -7.70 -5.13
C ILE A 294 0.52 -8.28 -4.77
N GLU A 295 1.26 -8.70 -5.79
CA GLU A 295 2.62 -9.25 -5.69
C GLU A 295 3.62 -8.33 -6.35
N ASP A 296 4.83 -8.36 -5.79
CA ASP A 296 6.01 -7.61 -6.22
C ASP A 296 6.35 -7.81 -7.72
N VAL A 297 6.58 -6.68 -8.39
CA VAL A 297 6.92 -6.63 -9.82
C VAL A 297 8.27 -7.32 -10.15
N ALA A 298 9.04 -7.68 -9.13
CA ALA A 298 10.30 -8.42 -9.33
C ALA A 298 10.11 -9.68 -10.17
N ALA A 299 8.99 -10.38 -9.98
CA ALA A 299 8.64 -11.56 -10.77
C ALA A 299 8.53 -11.29 -12.27
N VAL A 300 8.05 -10.12 -12.64
CA VAL A 300 7.99 -9.74 -14.05
C VAL A 300 9.39 -9.41 -14.61
N GLU A 301 10.15 -8.60 -13.86
CA GLU A 301 11.57 -8.39 -14.13
C GLU A 301 12.24 -9.73 -14.38
N ASP A 302 11.93 -10.74 -13.53
CA ASP A 302 12.65 -12.01 -13.62
C ASP A 302 12.38 -12.77 -14.93
N VAL A 303 11.14 -12.71 -15.39
CA VAL A 303 10.75 -13.40 -16.62
C VAL A 303 11.25 -12.66 -17.85
N LEU A 304 11.61 -11.39 -17.72
CA LEU A 304 12.03 -10.62 -18.90
C LEU A 304 13.52 -10.63 -19.13
N ARG A 305 14.26 -10.90 -18.05
CA ARG A 305 15.70 -11.02 -18.08
C ARG A 305 16.13 -12.15 -19.05
N GLY A 306 17.00 -11.81 -20.00
CA GLY A 306 17.48 -12.73 -21.04
C GLY A 306 16.57 -12.83 -22.26
N VAL A 307 15.42 -12.18 -22.21
CA VAL A 307 14.54 -12.12 -23.39
C VAL A 307 15.09 -11.12 -24.44
N LYS A 308 14.89 -11.50 -25.71
CA LYS A 308 15.13 -10.62 -26.84
C LYS A 308 14.40 -9.28 -26.70
N TYR A 309 15.11 -8.18 -26.91
CA TYR A 309 14.55 -6.86 -26.79
C TYR A 309 13.78 -6.45 -28.07
N GLU A 310 12.66 -7.14 -28.24
CA GLU A 310 11.75 -6.97 -29.31
C GLU A 310 10.37 -7.16 -28.74
N ARG A 311 9.42 -6.31 -29.17
CA ARG A 311 8.03 -6.34 -28.69
C ARG A 311 7.45 -7.75 -28.71
N GLU A 312 7.61 -8.47 -29.82
CA GLU A 312 7.03 -9.81 -29.93
C GLU A 312 7.52 -10.77 -28.84
N ASP A 313 8.82 -10.72 -28.54
CA ASP A 313 9.40 -11.71 -27.63
C ASP A 313 9.05 -11.33 -26.22
N VAL A 314 9.03 -10.03 -25.94
CA VAL A 314 8.66 -9.53 -24.63
C VAL A 314 7.22 -9.93 -24.32
N LEU A 315 6.34 -9.67 -25.29
CA LEU A 315 4.93 -10.03 -25.15
C LEU A 315 4.73 -11.53 -24.88
N LYS A 316 5.40 -12.35 -25.67
CA LYS A 316 5.37 -13.81 -25.51
C LYS A 316 5.74 -14.24 -24.07
N ALA A 317 6.79 -13.62 -23.52
CA ALA A 317 7.21 -13.87 -22.15
C ALA A 317 6.12 -13.45 -21.15
N LEU A 318 5.49 -12.32 -21.42
CA LEU A 318 4.47 -11.84 -20.52
C LEU A 318 3.22 -12.73 -20.49
N LYS A 319 2.95 -13.39 -21.61
CA LYS A 319 1.83 -14.35 -21.70
C LYS A 319 2.15 -15.69 -21.01
N THR A 320 3.31 -15.82 -20.38
CA THR A 320 3.63 -17.01 -19.56
C THR A 320 3.39 -16.77 -18.06
N ILE A 321 2.85 -15.60 -17.73
CA ILE A 321 2.55 -15.26 -16.32
C ILE A 321 1.21 -14.59 -16.21
N ASP A 322 0.64 -14.65 -15.01
CA ASP A 322 -0.56 -13.92 -14.64
C ASP A 322 -0.30 -12.43 -14.38
N ILE A 323 -0.59 -11.63 -15.38
CA ILE A 323 -0.23 -10.23 -15.38
C ILE A 323 -1.02 -9.47 -14.33
N THR A 324 -2.21 -10.00 -14.01
CA THR A 324 -3.13 -9.34 -13.11
C THR A 324 -2.63 -9.34 -11.67
N ARG A 325 -1.64 -10.21 -11.36
CA ARG A 325 -1.05 -10.22 -10.03
C ARG A 325 -0.13 -9.05 -9.86
N TYR A 326 0.32 -8.46 -10.97
CA TYR A 326 1.42 -7.45 -10.95
C TYR A 326 1.00 -6.05 -11.36
N PHE A 327 0.13 -5.96 -12.37
CA PHE A 327 -0.35 -4.68 -12.89
C PHE A 327 -1.86 -4.72 -13.05
N ALA A 328 -2.58 -4.34 -12.01
CA ALA A 328 -4.05 -4.35 -12.10
C ALA A 328 -4.53 -3.29 -13.10
N GLY A 329 -5.35 -3.72 -14.03
CA GLY A 329 -5.94 -2.87 -15.05
C GLY A 329 -5.08 -2.50 -16.25
N ILE A 330 -3.90 -3.11 -16.33
CA ILE A 330 -2.98 -2.86 -17.45
C ILE A 330 -2.66 -4.19 -18.11
N SER A 331 -2.74 -4.20 -19.44
CA SER A 331 -2.60 -5.40 -20.26
C SER A 331 -1.16 -5.78 -20.53
N ARG A 332 -0.97 -7.03 -20.95
CA ARG A 332 0.36 -7.52 -21.37
C ARG A 332 0.90 -6.74 -22.55
N GLU A 333 0.01 -6.41 -23.47
CA GLU A 333 0.33 -5.60 -24.65
C GLU A 333 0.81 -4.22 -24.22
N GLU A 334 0.13 -3.65 -23.24
CA GLU A 334 0.50 -2.36 -22.71
C GLU A 334 1.85 -2.44 -21.99
N ILE A 335 2.07 -3.45 -21.14
CA ILE A 335 3.36 -3.59 -20.47
C ILE A 335 4.50 -3.83 -21.45
N ALA A 336 4.29 -4.68 -22.47
CA ALA A 336 5.28 -4.86 -23.54
C ALA A 336 5.68 -3.53 -24.17
N GLU A 337 4.68 -2.69 -24.40
CA GLU A 337 4.91 -1.38 -25.01
C GLU A 337 5.77 -0.48 -24.10
N ALA A 338 5.49 -0.51 -22.81
CA ALA A 338 6.33 0.17 -21.81
C ALA A 338 7.79 -0.36 -21.85
N VAL A 339 7.95 -1.68 -21.97
CA VAL A 339 9.27 -2.27 -21.96
C VAL A 339 10.06 -1.92 -23.22
N VAL A 340 9.40 -1.97 -24.37
CA VAL A 340 10.12 -1.85 -25.65
C VAL A 340 9.29 -1.20 -26.76
N GLY A 341 9.92 -0.34 -27.55
CA GLY A 341 9.26 0.33 -28.67
C GLY A 341 8.98 -0.63 -29.83
C1 UNL B . 6.29 7.53 -26.89
C2 UNL B . 5.84 6.55 -25.56
C3 UNL B . 7.35 5.66 -24.99
C4 UNL B . 8.53 5.96 -23.65
C5 UNL B . 9.07 7.41 -22.26
C1 EDO C . 12.09 19.51 -4.36
O1 EDO C . 11.33 19.07 -5.51
C2 EDO C . 12.21 21.02 -4.15
O2 EDO C . 10.94 21.68 -4.04
C1 EDO D . 11.08 0.11 -7.92
O1 EDO D . 10.51 -1.13 -8.27
C2 EDO D . 11.52 0.13 -6.46
O2 EDO D . 12.54 -0.80 -6.27
C1 EDO E . -10.02 -1.02 23.35
O1 EDO E . -11.36 -0.66 23.63
C2 EDO E . -9.14 -0.74 24.57
O2 EDO E . -7.85 -1.37 24.38
C1 EDO F . -23.28 15.60 9.79
O1 EDO F . -23.84 16.14 8.59
C2 EDO F . -24.29 14.61 10.36
O2 EDO F . -24.53 14.83 11.74
C1 EDO G . 21.07 3.37 4.19
O1 EDO G . 20.39 3.89 3.05
C2 EDO G . 20.78 4.28 5.34
O2 EDO G . 19.93 5.29 4.78
C1 EDO H . 13.56 -7.86 3.38
O1 EDO H . 12.26 -7.32 3.64
C2 EDO H . 14.33 -6.93 2.46
O2 EDO H . 13.51 -5.82 2.03
C1 EDO I . 14.08 0.81 -3.75
O1 EDO I . 14.56 0.22 -4.99
C2 EDO I . 13.82 -0.28 -2.70
C2 EDO I . 13.71 -0.25 -2.71
O2 EDO I . 15.04 -0.97 -2.32
O2 EDO I . 12.52 -0.94 -3.11
C1 EDO J . 15.90 5.44 -9.02
O1 EDO J . 15.43 6.80 -8.93
C2 EDO J . 15.67 5.01 -10.46
O2 EDO J . 16.32 5.95 -11.32
C1 EDO K . -2.24 2.88 0.83
O1 EDO K . -2.62 2.74 -0.56
C2 EDO K . -2.62 1.61 1.58
O2 EDO K . -2.23 1.78 2.94
C1 EDO L . 1.40 2.07 5.26
O1 EDO L . 0.16 2.67 4.95
C2 EDO L . 1.09 0.61 5.41
O2 EDO L . 2.16 -0.06 6.05
C1 EDO M . -2.44 5.79 18.79
O1 EDO M . -2.78 4.84 17.74
C2 EDO M . -1.29 6.73 18.53
O2 EDO M . -1.74 8.11 18.48
C1 EDO N . 12.04 -9.18 7.34
O1 EDO N . 10.68 -9.49 7.08
C2 EDO N . 12.14 -7.68 7.49
O2 EDO N . 12.06 -7.03 6.22
C1 EDO O . -14.44 1.52 23.74
O1 EDO O . -15.78 0.97 23.62
C2 EDO O . -14.41 3.00 23.40
O2 EDO O . -13.41 3.71 24.16
C1 EDO P . -6.06 -3.15 -3.30
O1 EDO P . -6.07 -4.57 -3.56
C2 EDO P . -6.36 -2.17 -4.44
O2 EDO P . -5.62 -0.95 -4.15
C1 EDO Q . 15.49 14.51 -1.95
C1 EDO Q . 15.52 14.21 -1.96
O1 EDO Q . 16.49 13.53 -2.20
O1 EDO Q . 16.33 14.36 -3.15
C2 EDO Q . 14.04 14.17 -2.27
O2 EDO Q . 13.19 14.34 -1.10
C1 EDO R . -21.07 16.96 5.00
O1 EDO R . -19.78 16.36 4.83
C2 EDO R . -22.13 15.93 5.40
O2 EDO R . -22.38 14.97 4.35
C1 EDO S . 11.52 -4.11 -5.53
O1 EDO S . 11.10 -5.19 -6.46
C2 EDO S . 10.45 -3.12 -5.01
O2 EDO S . 10.58 -2.54 -3.69
#